data_9LH4
#
_entry.id   9LH4
#
_cell.length_a   71.095
_cell.length_b   71.095
_cell.length_c   137.862
_cell.angle_alpha   90.00
_cell.angle_beta   90.00
_cell.angle_gamma   90.00
#
_symmetry.space_group_name_H-M   'P 41 21 2'
#
loop_
_entity.id
_entity.type
_entity.pdbx_description
1 polymer 'Peptidyl-prolyl cis-trans isomerase CYP37, chloroplastic'
2 water water
#
_entity_poly.entity_id   1
_entity_poly.type   'polypeptide(L)'
_entity_poly.pdbx_seq_one_letter_code
;MGSSHHHHHHSSGLVPRGSHMASMTGGQQMGRGSVLYSPDTKVPRTGELALRRAIPANPSMKIIQASLEDISYLLRIPQR
KPYGTMESNVKKALKVAIDDKDKILASIPVDLKDKGSELYTTLIDGKGGLQALITSIKKQDPDKVSLGLAASLDTVADLE
LLQASGLSFLLPQQYLNYPRLAGRGTVEITIEKADGSTFSAEAGGDQRKSATVQIVIDGYSAPLTAGNFAKLVTSGAYDG
AKLNTVNQAVITEDGSGKVESVSVPLEVMPSGQFEPLYRTPLSVQDGELPVLPLSVYGAVAMAHSENSEEYSSPYQFFFY
LYDKRNSGLGGLSFDEGQFSVFGYTIAGKDILGQIKTGDIIKSAKLIEGQDRLSLPVQNNNINEST
;
_entity_poly.pdbx_strand_id   A
#
# COMPACT_ATOMS: atom_id res chain seq x y z
N ASP A 40 -11.86 -11.25 8.68
CA ASP A 40 -11.66 -10.47 7.46
C ASP A 40 -11.23 -9.03 7.77
N THR A 41 -10.79 -8.79 9.03
CA THR A 41 -10.35 -7.45 9.47
C THR A 41 -9.18 -7.62 10.44
N LYS A 42 -8.00 -7.83 9.87
CA LYS A 42 -6.73 -7.90 10.59
C LYS A 42 -5.84 -6.76 10.10
N VAL A 43 -4.82 -6.42 10.89
CA VAL A 43 -3.95 -5.31 10.60
C VAL A 43 -2.83 -5.78 9.69
N PRO A 44 -2.75 -5.31 8.45
CA PRO A 44 -1.67 -5.77 7.56
C PRO A 44 -0.31 -5.50 8.18
N ARG A 45 0.51 -6.54 8.28
CA ARG A 45 1.80 -6.40 8.95
C ARG A 45 2.74 -5.46 8.21
N THR A 46 2.58 -5.34 6.90
CA THR A 46 3.50 -4.56 6.09
C THR A 46 2.73 -3.69 5.11
N GLY A 47 3.41 -2.65 4.63
CA GLY A 47 2.87 -1.87 3.54
C GLY A 47 2.58 -2.70 2.31
N GLU A 48 3.43 -3.71 2.04
CA GLU A 48 3.21 -4.60 0.92
C GLU A 48 1.89 -5.36 1.06
N LEU A 49 1.62 -5.90 2.25
CA LEU A 49 0.36 -6.63 2.48
C LEU A 49 -0.82 -5.67 2.47
N ALA A 50 -0.63 -4.46 3.01
CA ALA A 50 -1.72 -3.48 2.95
C ALA A 50 -2.09 -3.19 1.50
N LEU A 51 -1.08 -2.98 0.67
CA LEU A 51 -1.33 -2.63 -0.74
C LEU A 51 -1.99 -3.78 -1.48
N ARG A 52 -1.52 -5.03 -1.28
CA ARG A 52 -2.13 -6.13 -2.01
C ARG A 52 -3.57 -6.36 -1.56
N ARG A 53 -3.85 -6.21 -0.26
CA ARG A 53 -5.24 -6.35 0.18
C ARG A 53 -6.11 -5.22 -0.36
N ALA A 54 -5.52 -4.07 -0.63
CA ALA A 54 -6.32 -2.95 -1.10
C ALA A 54 -6.63 -2.99 -2.60
N ILE A 55 -6.00 -3.87 -3.38
CA ILE A 55 -6.35 -3.96 -4.80
C ILE A 55 -7.81 -4.35 -4.95
N PRO A 56 -8.64 -3.56 -5.64
CA PRO A 56 -10.02 -3.98 -5.89
C PRO A 56 -10.03 -5.15 -6.87
N ALA A 57 -10.62 -6.25 -6.45
CA ALA A 57 -10.68 -7.45 -7.26
C ALA A 57 -11.92 -8.21 -6.87
N ASN A 58 -12.23 -9.24 -7.64
CA ASN A 58 -13.43 -10.00 -7.40
C ASN A 58 -13.23 -11.00 -6.27
N PRO A 59 -14.32 -11.50 -5.67
CA PRO A 59 -14.16 -12.33 -4.46
C PRO A 59 -13.33 -13.59 -4.67
N SER A 60 -13.39 -14.22 -5.85
CA SER A 60 -12.55 -15.40 -6.11
C SER A 60 -11.08 -15.09 -5.88
N MET A 61 -10.60 -13.97 -6.42
CA MET A 61 -9.18 -13.65 -6.27
C MET A 61 -8.86 -13.32 -4.82
N LYS A 62 -9.76 -12.64 -4.13
CA LYS A 62 -9.52 -12.29 -2.74
C LYS A 62 -9.45 -13.53 -1.85
N ILE A 63 -10.21 -14.57 -2.19
CA ILE A 63 -10.16 -15.79 -1.41
C ILE A 63 -8.84 -16.52 -1.65
N ILE A 64 -8.43 -16.62 -2.92
CA ILE A 64 -7.15 -17.22 -3.27
C ILE A 64 -6.02 -16.47 -2.58
N GLN A 65 -6.05 -15.14 -2.66
CA GLN A 65 -5.03 -14.28 -2.07
C GLN A 65 -4.92 -14.54 -0.57
N ALA A 66 -6.05 -14.55 0.14
CA ALA A 66 -6.03 -14.69 1.60
C ALA A 66 -5.54 -16.07 2.00
N SER A 67 -5.88 -17.09 1.22
CA SER A 67 -5.37 -18.43 1.49
C SER A 67 -3.86 -18.46 1.42
N LEU A 68 -3.28 -17.81 0.39
CA LEU A 68 -1.83 -17.84 0.23
C LEU A 68 -1.15 -16.97 1.28
N GLU A 69 -1.75 -15.83 1.61
CA GLU A 69 -1.17 -14.98 2.63
C GLU A 69 -1.18 -15.63 4.01
N ASP A 70 -2.19 -16.47 4.29
CA ASP A 70 -2.17 -17.27 5.53
C ASP A 70 -0.92 -18.13 5.60
N ILE A 71 -0.58 -18.80 4.50
CA ILE A 71 0.59 -19.69 4.48
C ILE A 71 1.87 -18.91 4.69
N SER A 72 1.96 -17.72 4.09
CA SER A 72 3.11 -16.86 4.31
C SER A 72 3.35 -16.64 5.80
N TYR A 73 2.28 -16.32 6.52
CA TYR A 73 2.33 -16.18 7.98
C TYR A 73 2.76 -17.47 8.64
N LEU A 74 2.13 -18.59 8.26
CA LEU A 74 2.45 -19.88 8.87
C LEU A 74 3.93 -20.21 8.73
N LEU A 75 4.51 -19.86 7.58
CA LEU A 75 5.92 -20.15 7.33
C LEU A 75 6.82 -19.39 8.29
N ARG A 76 6.37 -18.24 8.78
CA ARG A 76 7.14 -17.43 9.72
C ARG A 76 7.05 -17.89 11.16
N ILE A 77 6.16 -18.82 11.48
CA ILE A 77 6.05 -19.24 12.89
C ILE A 77 7.25 -20.10 13.25
N PRO A 78 7.96 -19.79 14.34
CA PRO A 78 9.05 -20.69 14.79
C PRO A 78 8.48 -21.96 15.40
N GLN A 79 8.03 -22.86 14.54
CA GLN A 79 7.51 -24.15 14.93
C GLN A 79 7.86 -25.15 13.85
N ARG A 80 7.67 -26.42 14.14
CA ARG A 80 7.70 -27.42 13.08
C ARG A 80 6.71 -26.99 12.02
N LYS A 81 7.16 -26.91 10.77
CA LYS A 81 6.33 -26.33 9.72
C LYS A 81 5.01 -27.08 9.61
N PRO A 82 3.87 -26.41 9.68
CA PRO A 82 2.58 -27.12 9.64
C PRO A 82 2.16 -27.44 8.20
N TYR A 83 2.85 -28.41 7.60
CA TYR A 83 2.68 -28.69 6.18
C TYR A 83 1.27 -29.21 5.87
N GLY A 84 0.63 -29.88 6.82
CA GLY A 84 -0.75 -30.29 6.62
C GLY A 84 -1.68 -29.11 6.45
N THR A 85 -1.58 -28.14 7.36
CA THR A 85 -2.39 -26.94 7.23
C THR A 85 -2.08 -26.19 5.96
N MET A 86 -0.79 -26.12 5.60
CA MET A 86 -0.41 -25.45 4.37
C MET A 86 -1.05 -26.12 3.16
N GLU A 87 -1.01 -27.45 3.12
CA GLU A 87 -1.58 -28.16 1.97
C GLU A 87 -3.08 -27.91 1.85
N SER A 88 -3.79 -27.90 2.98
CA SER A 88 -5.23 -27.65 2.94
C SER A 88 -5.55 -26.28 2.37
N ASN A 89 -4.77 -25.27 2.77
CA ASN A 89 -4.99 -23.91 2.29
C ASN A 89 -4.75 -23.81 0.79
N VAL A 90 -3.70 -24.44 0.26
CA VAL A 90 -3.45 -24.33 -1.17
C VAL A 90 -4.49 -25.10 -1.96
N LYS A 91 -4.91 -26.27 -1.46
CA LYS A 91 -6.01 -26.98 -2.11
C LYS A 91 -7.26 -26.12 -2.18
N LYS A 92 -7.53 -25.35 -1.12
CA LYS A 92 -8.67 -24.44 -1.16
C LYS A 92 -8.48 -23.39 -2.24
N ALA A 93 -7.28 -22.80 -2.32
CA ALA A 93 -7.00 -21.81 -3.34
C ALA A 93 -7.13 -22.39 -4.74
N LEU A 94 -6.58 -23.59 -4.96
CA LEU A 94 -6.65 -24.22 -6.27
C LEU A 94 -8.09 -24.50 -6.68
N LYS A 95 -8.91 -25.02 -5.75
CA LYS A 95 -10.30 -25.32 -6.06
C LYS A 95 -11.04 -24.07 -6.50
N VAL A 96 -10.86 -22.97 -5.76
CA VAL A 96 -11.47 -21.70 -6.15
C VAL A 96 -10.94 -21.27 -7.51
N ALA A 97 -9.63 -21.40 -7.74
CA ALA A 97 -9.04 -20.94 -8.99
C ALA A 97 -9.57 -21.76 -10.17
N ILE A 98 -9.67 -23.07 -10.01
CA ILE A 98 -10.26 -23.90 -11.05
C ILE A 98 -11.75 -23.59 -11.20
N ASP A 99 -12.50 -23.68 -10.10
CA ASP A 99 -13.96 -23.57 -10.20
C ASP A 99 -14.38 -22.21 -10.75
N ASP A 100 -13.72 -21.14 -10.32
CA ASP A 100 -14.16 -19.79 -10.65
C ASP A 100 -13.44 -19.20 -11.84
N LYS A 101 -12.81 -20.05 -12.67
CA LYS A 101 -12.07 -19.58 -13.84
C LYS A 101 -12.85 -18.55 -14.64
N ASP A 102 -14.12 -18.86 -14.98
CA ASP A 102 -14.91 -17.95 -15.79
C ASP A 102 -15.14 -16.61 -15.09
N LYS A 103 -15.49 -16.65 -13.81
CA LYS A 103 -15.67 -15.39 -13.07
C LYS A 103 -14.36 -14.60 -12.99
N ILE A 104 -13.24 -15.27 -12.78
CA ILE A 104 -11.97 -14.56 -12.67
C ILE A 104 -11.70 -13.79 -13.96
N LEU A 105 -11.79 -14.47 -15.11
CA LEU A 105 -11.50 -13.83 -16.38
C LEU A 105 -12.62 -12.87 -16.81
N ALA A 106 -13.85 -13.12 -16.38
CA ALA A 106 -14.96 -12.23 -16.73
C ALA A 106 -14.75 -10.83 -16.17
N SER A 107 -14.13 -10.72 -15.00
CA SER A 107 -13.87 -9.44 -14.36
C SER A 107 -12.74 -8.65 -15.02
N ILE A 108 -12.06 -9.22 -16.00
CA ILE A 108 -10.94 -8.56 -16.66
C ILE A 108 -11.46 -7.86 -17.92
N PRO A 109 -11.10 -6.61 -18.18
CA PRO A 109 -11.57 -5.94 -19.39
C PRO A 109 -11.15 -6.65 -20.66
N VAL A 110 -11.98 -6.47 -21.70
CA VAL A 110 -11.86 -7.20 -22.97
C VAL A 110 -10.44 -7.11 -23.51
N ASP A 111 -9.86 -5.91 -23.53
CA ASP A 111 -8.55 -5.74 -24.14
C ASP A 111 -7.44 -6.41 -23.34
N LEU A 112 -7.71 -6.82 -22.11
CA LEU A 112 -6.70 -7.42 -21.25
C LEU A 112 -6.94 -8.90 -21.01
N LYS A 113 -7.93 -9.49 -21.68
CA LYS A 113 -8.31 -10.86 -21.35
C LYS A 113 -7.25 -11.86 -21.82
N ASP A 114 -6.54 -11.54 -22.90
CA ASP A 114 -5.43 -12.40 -23.31
C ASP A 114 -4.31 -12.38 -22.28
N LYS A 115 -3.93 -11.19 -21.82
CA LYS A 115 -2.96 -11.10 -20.75
C LYS A 115 -3.47 -11.80 -19.50
N GLY A 116 -4.76 -11.66 -19.20
CA GLY A 116 -5.33 -12.33 -18.04
C GLY A 116 -5.33 -13.83 -18.20
N SER A 117 -5.63 -14.32 -19.40
CA SER A 117 -5.66 -15.75 -19.63
C SER A 117 -4.29 -16.37 -19.40
N GLU A 118 -3.22 -15.65 -19.76
CA GLU A 118 -1.86 -16.13 -19.61
C GLU A 118 -1.43 -16.12 -18.14
N LEU A 119 -1.85 -15.10 -17.40
CA LEU A 119 -1.61 -15.09 -15.96
C LEU A 119 -2.32 -16.26 -15.28
N TYR A 120 -3.57 -16.54 -15.69
CA TYR A 120 -4.32 -17.63 -15.09
C TYR A 120 -3.63 -18.96 -15.30
N THR A 121 -3.20 -19.23 -16.54
CA THR A 121 -2.44 -20.45 -16.82
C THR A 121 -1.24 -20.58 -15.91
N THR A 122 -0.46 -19.51 -15.77
CA THR A 122 0.67 -19.54 -14.85
C THR A 122 0.21 -19.84 -13.43
N LEU A 123 -0.89 -19.23 -12.99
CA LEU A 123 -1.35 -19.46 -11.62
C LEU A 123 -1.62 -20.94 -11.35
N ILE A 124 -2.13 -21.66 -12.35
CA ILE A 124 -2.41 -23.08 -12.19
C ILE A 124 -1.16 -23.91 -12.42
N ASP A 125 -0.59 -23.85 -13.62
CA ASP A 125 0.36 -24.83 -14.12
C ASP A 125 1.78 -24.30 -14.26
N GLY A 126 2.04 -23.06 -13.87
CA GLY A 126 3.39 -22.54 -13.94
C GLY A 126 4.29 -23.10 -12.86
N LYS A 127 5.61 -22.96 -13.08
CA LYS A 127 6.58 -23.41 -12.10
C LYS A 127 6.44 -22.68 -10.77
N GLY A 128 5.88 -21.48 -10.78
CA GLY A 128 5.61 -20.80 -9.54
C GLY A 128 4.12 -20.75 -9.21
N GLY A 129 3.37 -21.76 -9.66
CA GLY A 129 1.94 -21.77 -9.54
C GLY A 129 1.43 -22.67 -8.42
N LEU A 130 0.11 -22.80 -8.38
CA LEU A 130 -0.54 -23.48 -7.26
C LEU A 130 -0.25 -24.97 -7.26
N GLN A 131 -0.29 -25.62 -8.42
CA GLN A 131 0.05 -27.05 -8.48
C GLN A 131 1.48 -27.28 -8.06
N ALA A 132 2.41 -26.44 -8.51
CA ALA A 132 3.78 -26.58 -8.06
C ALA A 132 3.91 -26.34 -6.56
N LEU A 133 3.09 -25.42 -6.01
CA LEU A 133 3.13 -25.16 -4.59
C LEU A 133 2.71 -26.38 -3.77
N ILE A 134 1.59 -27.00 -4.13
CA ILE A 134 1.17 -28.24 -3.48
C ILE A 134 2.29 -29.27 -3.52
N THR A 135 2.97 -29.37 -4.67
CA THR A 135 4.08 -30.31 -4.80
C THR A 135 5.22 -30.00 -3.84
N SER A 136 5.61 -28.72 -3.73
CA SER A 136 6.69 -28.37 -2.79
C SER A 136 6.25 -28.59 -1.35
N ILE A 137 4.97 -28.32 -1.03
CA ILE A 137 4.48 -28.60 0.32
C ILE A 137 4.53 -30.09 0.61
N LYS A 138 4.16 -30.93 -0.36
CA LYS A 138 4.27 -32.37 -0.16
C LYS A 138 5.71 -32.77 0.10
N LYS A 139 6.66 -32.13 -0.60
CA LYS A 139 8.08 -32.40 -0.44
C LYS A 139 8.65 -31.86 0.86
N GLN A 140 7.92 -30.98 1.54
CA GLN A 140 8.39 -30.38 2.80
C GLN A 140 9.77 -29.73 2.63
N ASP A 141 9.94 -29.01 1.52
CA ASP A 141 11.13 -28.19 1.32
C ASP A 141 10.72 -26.74 1.58
N PRO A 142 11.04 -26.16 2.73
CA PRO A 142 10.44 -24.86 3.07
C PRO A 142 10.90 -23.71 2.20
N ASP A 143 12.09 -23.81 1.61
CA ASP A 143 12.56 -22.72 0.77
C ASP A 143 11.96 -22.77 -0.63
N LYS A 144 11.67 -23.96 -1.16
CA LYS A 144 10.89 -24.00 -2.39
C LYS A 144 9.43 -23.61 -2.14
N VAL A 145 8.90 -23.92 -0.96
CA VAL A 145 7.53 -23.46 -0.66
C VAL A 145 7.50 -21.93 -0.62
N SER A 146 8.46 -21.34 0.09
CA SER A 146 8.51 -19.89 0.20
C SER A 146 8.65 -19.23 -1.18
N LEU A 147 9.46 -19.83 -2.05
CA LEU A 147 9.65 -19.28 -3.40
C LEU A 147 8.37 -19.39 -4.23
N GLY A 148 7.75 -20.56 -4.23
CA GLY A 148 6.52 -20.73 -4.99
C GLY A 148 5.39 -19.86 -4.47
N LEU A 149 5.37 -19.64 -3.15
CA LEU A 149 4.36 -18.78 -2.54
C LEU A 149 4.51 -17.35 -3.00
N ALA A 150 5.75 -16.83 -3.01
CA ALA A 150 6.00 -15.49 -3.53
C ALA A 150 5.62 -15.40 -5.01
N ALA A 151 6.00 -16.40 -5.81
CA ALA A 151 5.63 -16.38 -7.22
C ALA A 151 4.12 -16.36 -7.41
N SER A 152 3.41 -17.25 -6.69
CA SER A 152 1.95 -17.31 -6.83
C SER A 152 1.30 -16.03 -6.37
N LEU A 153 1.79 -15.42 -5.28
CA LEU A 153 1.18 -14.17 -4.83
C LEU A 153 1.43 -13.02 -5.81
N ASP A 154 2.57 -13.03 -6.50
CA ASP A 154 2.84 -12.05 -7.55
C ASP A 154 1.85 -12.21 -8.71
N THR A 155 1.62 -13.45 -9.13
CA THR A 155 0.64 -13.70 -10.19
C THR A 155 -0.75 -13.31 -9.74
N VAL A 156 -1.10 -13.61 -8.49
CA VAL A 156 -2.40 -13.22 -7.95
C VAL A 156 -2.55 -11.70 -8.03
N ALA A 157 -1.53 -10.96 -7.60
CA ALA A 157 -1.60 -9.51 -7.60
C ALA A 157 -1.77 -8.96 -9.02
N ASP A 158 -1.06 -9.52 -9.98
CA ASP A 158 -1.16 -9.04 -11.35
C ASP A 158 -2.56 -9.30 -11.91
N LEU A 159 -3.12 -10.47 -11.61
CA LEU A 159 -4.50 -10.74 -12.03
C LEU A 159 -5.46 -9.74 -11.40
N GLU A 160 -5.26 -9.45 -10.12
CA GLU A 160 -6.14 -8.51 -9.44
C GLU A 160 -5.99 -7.13 -10.05
N LEU A 161 -4.77 -6.74 -10.43
CA LEU A 161 -4.60 -5.42 -11.04
C LEU A 161 -5.30 -5.35 -12.39
N LEU A 162 -5.34 -6.45 -13.15
CA LEU A 162 -6.08 -6.45 -14.40
C LEU A 162 -7.56 -6.20 -14.14
N GLN A 163 -8.11 -6.88 -13.14
CA GLN A 163 -9.51 -6.69 -12.76
C GLN A 163 -9.75 -5.28 -12.26
N ALA A 164 -8.85 -4.79 -11.40
CA ALA A 164 -8.97 -3.45 -10.86
C ALA A 164 -9.00 -2.39 -11.96
N SER A 165 -8.24 -2.61 -13.04
CA SER A 165 -8.25 -1.63 -14.11
C SER A 165 -9.63 -1.44 -14.73
N GLY A 166 -10.58 -2.34 -14.46
CA GLY A 166 -11.96 -2.09 -14.79
C GLY A 166 -12.75 -1.34 -13.74
N LEU A 167 -12.17 -1.06 -12.58
CA LEU A 167 -12.89 -0.37 -11.51
C LEU A 167 -12.18 0.93 -11.09
N PRO A 172 -17.94 11.82 -5.64
CA PRO A 172 -18.96 12.87 -5.50
C PRO A 172 -18.81 13.96 -6.54
N GLN A 173 -19.96 14.53 -6.90
CA GLN A 173 -20.02 15.54 -7.96
C GLN A 173 -19.18 16.77 -7.62
N GLN A 174 -19.13 17.15 -6.35
CA GLN A 174 -18.43 18.37 -5.95
C GLN A 174 -16.96 18.36 -6.35
N TYR A 175 -16.37 17.18 -6.55
CA TYR A 175 -14.94 17.06 -6.81
C TYR A 175 -14.65 16.62 -8.24
N LEU A 176 -15.58 16.88 -9.15
CA LEU A 176 -15.49 16.36 -10.51
C LEU A 176 -14.24 16.84 -11.22
N ASN A 177 -13.74 18.02 -10.89
CA ASN A 177 -12.58 18.60 -11.57
C ASN A 177 -11.33 18.57 -10.71
N TYR A 178 -11.32 17.76 -9.65
CA TYR A 178 -10.15 17.63 -8.80
C TYR A 178 -9.12 16.69 -9.44
N PRO A 179 -7.84 16.97 -9.24
CA PRO A 179 -6.80 16.02 -9.66
C PRO A 179 -7.07 14.65 -9.06
N ARG A 180 -6.87 13.61 -9.86
CA ARG A 180 -7.22 12.26 -9.45
C ARG A 180 -6.24 11.28 -10.05
N LEU A 181 -5.81 10.30 -9.25
CA LEU A 181 -4.95 9.22 -9.69
C LEU A 181 -5.79 7.97 -9.90
N ALA A 182 -5.76 7.42 -11.10
CA ALA A 182 -6.37 6.11 -11.32
C ALA A 182 -5.29 5.05 -11.10
N GLY A 183 -5.57 4.09 -10.24
CA GLY A 183 -4.63 3.02 -10.01
C GLY A 183 -3.44 3.48 -9.18
N ARG A 184 -2.34 2.77 -9.33
CA ARG A 184 -1.19 2.91 -8.44
C ARG A 184 -0.13 3.83 -9.03
N GLY A 185 0.60 4.50 -8.15
CA GLY A 185 1.77 5.26 -8.55
C GLY A 185 2.92 4.93 -7.63
N THR A 186 4.12 5.30 -8.07
CA THR A 186 5.31 5.12 -7.25
C THR A 186 6.02 6.46 -7.19
N VAL A 187 6.26 6.93 -5.98
CA VAL A 187 6.94 8.21 -5.77
C VAL A 187 8.25 7.93 -5.05
N GLU A 188 9.34 8.39 -5.65
CA GLU A 188 10.68 8.23 -5.10
C GLU A 188 11.08 9.50 -4.39
N ILE A 189 11.46 9.37 -3.12
CA ILE A 189 11.79 10.53 -2.30
C ILE A 189 13.22 10.38 -1.82
N THR A 190 14.07 11.33 -2.19
CA THR A 190 15.45 11.36 -1.74
C THR A 190 15.55 12.35 -0.58
N ILE A 191 16.03 11.86 0.56
CA ILE A 191 16.16 12.66 1.77
C ILE A 191 17.64 12.92 2.01
N GLU A 192 18.00 14.18 2.22
CA GLU A 192 19.38 14.60 2.44
C GLU A 192 19.57 15.04 3.88
N LYS A 193 20.63 14.55 4.51
CA LYS A 193 20.89 14.84 5.91
C LYS A 193 21.72 16.10 6.07
N ALA A 194 21.60 16.71 7.25
CA ALA A 194 22.40 17.89 7.58
C ALA A 194 23.88 17.54 7.55
N ASP A 195 24.71 18.55 7.24
CA ASP A 195 26.12 18.30 6.94
C ASP A 195 26.85 17.54 8.05
N GLY A 196 26.31 17.48 9.25
CA GLY A 196 26.99 16.79 10.32
C GLY A 196 26.57 15.34 10.52
N SER A 197 25.32 15.02 10.21
CA SER A 197 24.69 13.75 10.57
C SER A 197 24.67 12.79 9.38
N THR A 198 24.33 11.53 9.66
CA THR A 198 24.53 10.51 8.65
C THR A 198 23.47 9.41 8.71
N PHE A 199 23.08 8.91 7.53
CA PHE A 199 22.30 7.69 7.42
C PHE A 199 23.20 6.47 7.50
N SER A 200 22.63 5.35 7.97
CA SER A 200 23.35 4.09 8.07
C SER A 200 22.41 2.97 7.63
N ALA A 201 22.62 2.46 6.43
CA ALA A 201 21.87 1.32 5.92
C ALA A 201 22.66 0.04 6.12
N GLU A 202 21.95 -1.09 6.09
CA GLU A 202 22.61 -2.38 6.01
C GLU A 202 23.31 -2.57 4.67
N ALA A 203 22.99 -1.72 3.70
CA ALA A 203 23.46 -1.78 2.32
C ALA A 203 23.00 -0.52 1.62
N GLY A 204 23.90 0.35 1.19
CA GLY A 204 25.32 0.21 1.42
C GLY A 204 25.94 1.50 1.88
N GLY A 205 26.58 1.47 3.04
CA GLY A 205 27.24 2.64 3.56
C GLY A 205 26.70 3.05 4.92
N ASP A 206 27.55 2.98 5.94
CA ASP A 206 27.18 3.41 7.27
C ASP A 206 27.31 4.91 7.46
N GLN A 207 27.53 5.66 6.38
CA GLN A 207 27.67 7.11 6.52
C GLN A 207 27.20 7.81 5.25
N ARG A 208 25.96 7.55 4.86
CA ARG A 208 25.38 8.17 3.67
C ARG A 208 24.89 9.57 3.99
N LYS A 209 25.14 10.50 3.06
CA LYS A 209 24.60 11.85 3.20
C LYS A 209 23.13 11.89 2.79
N SER A 210 22.72 10.94 1.95
CA SER A 210 21.36 10.90 1.45
C SER A 210 20.89 9.46 1.44
N ALA A 211 19.57 9.29 1.49
CA ALA A 211 18.94 8.00 1.31
C ALA A 211 17.62 8.21 0.60
N THR A 212 17.18 7.20 -0.13
CA THR A 212 16.01 7.30 -0.97
C THR A 212 15.01 6.21 -0.60
N VAL A 213 13.74 6.59 -0.51
CA VAL A 213 12.66 5.65 -0.24
C VAL A 213 11.68 5.67 -1.42
N GLN A 214 10.87 4.61 -1.50
CA GLN A 214 9.83 4.51 -2.52
C GLN A 214 8.50 4.36 -1.82
N ILE A 215 7.56 5.24 -2.15
CA ILE A 215 6.19 5.19 -1.68
C ILE A 215 5.30 4.77 -2.84
N VAL A 216 4.52 3.73 -2.63
CA VAL A 216 3.46 3.37 -3.57
C VAL A 216 2.18 4.02 -3.08
N ILE A 217 1.57 4.83 -3.92
CA ILE A 217 0.35 5.55 -3.59
C ILE A 217 -0.83 4.87 -4.28
N ASP A 218 -1.99 4.91 -3.63
CA ASP A 218 -3.09 4.04 -4.03
C ASP A 218 -4.27 4.90 -4.47
N GLY A 219 -4.33 5.20 -5.78
CA GLY A 219 -5.46 5.90 -6.34
C GLY A 219 -6.74 5.08 -6.35
N TYR A 220 -6.65 3.76 -6.24
CA TYR A 220 -7.88 2.96 -6.21
C TYR A 220 -8.72 3.28 -4.98
N SER A 221 -8.05 3.50 -3.84
CA SER A 221 -8.72 3.72 -2.57
C SER A 221 -8.71 5.17 -2.12
N ALA A 222 -7.82 5.98 -2.67
CA ALA A 222 -7.69 7.39 -2.28
C ALA A 222 -7.43 8.20 -3.54
N PRO A 223 -8.36 8.18 -4.51
CA PRO A 223 -8.10 8.86 -5.78
C PRO A 223 -7.82 10.35 -5.66
N LEU A 224 -8.55 11.07 -4.79
CA LEU A 224 -8.32 12.51 -4.67
C LEU A 224 -7.01 12.81 -3.96
N THR A 225 -6.75 12.10 -2.86
CA THR A 225 -5.56 12.40 -2.06
C THR A 225 -4.30 12.00 -2.79
N ALA A 226 -4.30 10.82 -3.39
CA ALA A 226 -3.15 10.41 -4.19
C ALA A 226 -2.99 11.29 -5.41
N GLY A 227 -4.10 11.71 -6.01
CA GLY A 227 -4.03 12.59 -7.16
C GLY A 227 -3.38 13.92 -6.81
N ASN A 228 -3.81 14.51 -5.71
CA ASN A 228 -3.26 15.81 -5.29
C ASN A 228 -1.78 15.67 -4.95
N PHE A 229 -1.42 14.62 -4.21
CA PHE A 229 -0.01 14.33 -3.92
C PHE A 229 0.80 14.18 -5.20
N ALA A 230 0.29 13.38 -6.15
CA ALA A 230 1.03 13.17 -7.39
C ALA A 230 1.23 14.47 -8.15
N LYS A 231 0.20 15.33 -8.18
CA LYS A 231 0.34 16.62 -8.86
C LYS A 231 1.42 17.45 -8.20
N LEU A 232 1.44 17.50 -6.87
CA LEU A 232 2.45 18.29 -6.17
C LEU A 232 3.84 17.76 -6.45
N VAL A 233 4.01 16.43 -6.38
CA VAL A 233 5.31 15.82 -6.64
C VAL A 233 5.80 16.18 -8.04
N THR A 234 4.93 15.98 -9.05
CA THR A 234 5.33 16.22 -10.43
C THR A 234 5.65 17.68 -10.69
N SER A 235 5.04 18.61 -9.94
CA SER A 235 5.36 20.02 -10.10
C SER A 235 6.63 20.42 -9.34
N GLY A 236 7.26 19.51 -8.62
CA GLY A 236 8.46 19.82 -7.86
C GLY A 236 8.22 20.49 -6.53
N ALA A 237 6.97 20.53 -6.05
CA ALA A 237 6.64 21.34 -4.89
C ALA A 237 7.29 20.83 -3.61
N TYR A 238 7.68 19.56 -3.57
CA TYR A 238 8.34 19.03 -2.39
C TYR A 238 9.85 19.08 -2.47
N ASP A 239 10.41 19.53 -3.58
CA ASP A 239 11.87 19.58 -3.69
C ASP A 239 12.40 20.67 -2.78
N GLY A 240 13.15 20.29 -1.75
CA GLY A 240 13.67 21.23 -0.79
C GLY A 240 12.88 21.32 0.50
N ALA A 241 11.78 20.60 0.63
CA ALA A 241 10.91 20.73 1.80
C ALA A 241 11.59 20.18 3.04
N LYS A 242 11.42 20.88 4.15
CA LYS A 242 12.00 20.47 5.41
C LYS A 242 11.17 19.39 6.08
N LEU A 243 11.84 18.53 6.81
CA LEU A 243 11.19 17.44 7.53
C LEU A 243 11.34 17.67 9.02
N ASN A 244 10.38 17.13 9.79
CA ASN A 244 10.36 17.25 11.23
C ASN A 244 9.89 15.93 11.85
N THR A 245 10.40 15.65 13.03
CA THR A 245 9.95 14.51 13.80
C THR A 245 9.06 15.01 14.94
N VAL A 246 7.85 14.49 15.01
CA VAL A 246 6.89 14.89 16.05
C VAL A 246 6.07 13.67 16.42
N ASN A 247 6.29 13.18 17.64
CA ASN A 247 5.68 11.96 18.16
C ASN A 247 6.09 10.82 17.23
N GLN A 248 5.17 10.06 16.65
CA GLN A 248 5.56 8.90 15.81
C GLN A 248 5.50 9.21 14.34
N ALA A 249 5.94 10.40 13.93
CA ALA A 249 5.71 10.83 12.57
C ALA A 249 6.88 11.64 12.07
N VAL A 250 7.17 11.49 10.78
CA VAL A 250 8.08 12.34 10.06
C VAL A 250 7.21 13.20 9.17
N ILE A 251 7.09 14.49 9.48
CA ILE A 251 6.11 15.36 8.83
C ILE A 251 6.85 16.48 8.11
N THR A 252 6.36 16.79 6.92
CA THR A 252 6.93 17.92 6.17
C THR A 252 6.57 19.24 6.81
N GLU A 253 7.34 20.27 6.45
CA GLU A 253 6.91 21.63 6.71
C GLU A 253 5.54 21.83 6.04
N ASP A 254 4.74 22.74 6.59
CA ASP A 254 3.48 23.06 5.94
C ASP A 254 3.77 24.02 4.78
N GLY A 255 3.18 23.76 3.62
CA GLY A 255 3.52 24.56 2.48
C GLY A 255 2.54 25.69 2.35
N SER A 256 2.52 26.56 3.36
CA SER A 256 1.64 27.73 3.39
C SER A 256 2.11 28.71 2.31
N GLY A 257 1.28 28.92 1.29
CA GLY A 257 1.75 29.57 0.09
C GLY A 257 2.71 28.64 -0.64
N LYS A 258 3.20 29.08 -1.80
CA LYS A 258 4.06 28.29 -2.67
C LYS A 258 3.27 27.19 -3.39
N VAL A 259 2.06 26.87 -2.92
CA VAL A 259 1.07 26.15 -3.71
C VAL A 259 -0.30 26.76 -3.48
N GLU A 260 -1.25 26.35 -4.34
CA GLU A 260 -2.66 26.67 -4.13
C GLU A 260 -3.10 26.25 -2.73
N SER A 261 -4.13 26.90 -2.21
CA SER A 261 -4.72 26.45 -0.97
C SER A 261 -6.05 25.77 -1.26
N VAL A 262 -6.00 24.68 -2.03
CA VAL A 262 -7.19 23.96 -2.44
C VAL A 262 -7.80 23.23 -1.23
N SER A 263 -9.13 23.10 -1.26
CA SER A 263 -9.87 22.33 -0.26
C SER A 263 -9.81 20.85 -0.65
N VAL A 264 -9.08 20.04 0.13
CA VAL A 264 -8.95 18.62 -0.13
C VAL A 264 -9.71 17.87 0.96
N PRO A 265 -10.88 17.29 0.69
CA PRO A 265 -11.66 16.65 1.76
C PRO A 265 -10.92 15.45 2.31
N LEU A 266 -11.15 15.17 3.60
CA LEU A 266 -10.77 13.89 4.17
C LEU A 266 -11.28 12.76 3.28
N GLU A 267 -10.48 11.72 3.14
CA GLU A 267 -10.82 10.65 2.18
C GLU A 267 -10.41 9.32 2.80
N VAL A 268 -11.39 8.56 3.28
CA VAL A 268 -11.13 7.31 4.00
C VAL A 268 -12.16 6.27 3.55
N MET A 269 -11.69 5.15 2.98
CA MET A 269 -12.57 4.11 2.48
C MET A 269 -12.69 2.99 3.50
N PRO A 270 -13.83 2.79 4.14
CA PRO A 270 -13.94 1.67 5.08
C PRO A 270 -13.95 0.34 4.33
N SER A 271 -13.18 -0.62 4.84
CA SER A 271 -13.11 -1.90 4.17
C SER A 271 -14.46 -2.58 4.20
N GLY A 272 -14.79 -3.28 3.11
CA GLY A 272 -16.09 -3.89 2.97
C GLY A 272 -17.15 -2.98 2.39
N GLN A 273 -16.83 -1.70 2.18
CA GLN A 273 -17.65 -0.79 1.39
C GLN A 273 -16.92 -0.53 0.08
N PHE A 274 -17.62 0.09 -0.86
CA PHE A 274 -17.13 0.17 -2.24
C PHE A 274 -16.98 1.59 -2.75
N GLU A 275 -17.07 2.59 -1.87
CA GLU A 275 -16.74 4.00 -2.18
C GLU A 275 -16.08 4.61 -0.95
N PRO A 276 -15.11 5.49 -1.13
CA PRO A 276 -14.57 6.22 0.03
C PRO A 276 -15.58 7.21 0.61
N LEU A 277 -15.47 7.42 1.92
CA LEU A 277 -16.18 8.51 2.59
C LEU A 277 -15.38 9.80 2.47
N TYR A 278 -16.08 10.92 2.33
CA TYR A 278 -15.42 12.22 2.21
C TYR A 278 -15.81 13.13 3.36
N ARG A 279 -14.83 13.89 3.86
CA ARG A 279 -15.01 14.78 5.00
C ARG A 279 -15.52 14.06 6.25
N THR A 280 -15.26 12.74 6.35
CA THR A 280 -15.84 11.95 7.43
C THR A 280 -14.86 10.93 7.97
N PRO A 281 -14.38 11.07 9.19
CA PRO A 281 -13.43 10.08 9.73
C PRO A 281 -14.14 8.76 10.00
N LEU A 282 -13.36 7.69 9.96
CA LEU A 282 -13.90 6.34 10.14
C LEU A 282 -13.68 5.91 11.58
N SER A 283 -14.78 5.60 12.27
CA SER A 283 -14.67 5.06 13.62
C SER A 283 -14.29 3.58 13.57
N VAL A 284 -13.24 3.21 14.31
CA VAL A 284 -12.76 1.84 14.35
C VAL A 284 -12.96 1.23 15.74
N GLN A 285 -13.92 1.74 16.50
CA GLN A 285 -14.14 1.25 17.85
C GLN A 285 -14.84 -0.10 17.87
N ASP A 286 -15.58 -0.46 16.82
CA ASP A 286 -16.39 -1.67 16.83
C ASP A 286 -16.08 -2.55 15.62
N GLY A 287 -14.80 -2.76 15.34
CA GLY A 287 -14.37 -3.78 14.39
C GLY A 287 -14.05 -3.30 12.99
N GLU A 288 -14.28 -2.03 12.68
CA GLU A 288 -14.08 -1.56 11.32
C GLU A 288 -12.61 -1.21 11.07
N LEU A 289 -12.25 -1.10 9.80
CA LEU A 289 -10.87 -0.82 9.43
C LEU A 289 -10.85 -0.19 8.05
N PRO A 290 -10.09 0.88 7.84
CA PRO A 290 -10.03 1.46 6.50
C PRO A 290 -9.32 0.51 5.54
N VAL A 291 -9.65 0.63 4.26
CA VAL A 291 -8.94 -0.11 3.22
C VAL A 291 -7.46 0.25 3.23
N LEU A 292 -7.14 1.53 3.48
CA LEU A 292 -5.76 1.93 3.64
C LEU A 292 -5.52 2.30 5.10
N PRO A 293 -5.24 1.34 5.98
CA PRO A 293 -5.05 1.67 7.40
C PRO A 293 -3.80 2.48 7.66
N LEU A 294 -3.91 3.36 8.66
CA LEU A 294 -2.74 4.08 9.14
C LEU A 294 -1.81 3.17 9.92
N SER A 295 -2.34 2.09 10.50
CA SER A 295 -1.61 1.32 11.50
C SER A 295 -0.61 0.36 10.84
N VAL A 296 0.26 0.90 10.00
CA VAL A 296 1.27 0.14 9.27
C VAL A 296 2.54 0.98 9.27
N TYR A 297 3.67 0.35 9.60
CA TYR A 297 4.91 1.10 9.65
C TYR A 297 5.25 1.64 8.25
N GLY A 298 5.47 2.95 8.17
CA GLY A 298 5.74 3.60 6.90
C GLY A 298 4.52 4.01 6.10
N ALA A 299 3.32 3.88 6.66
CA ALA A 299 2.14 4.47 6.04
C ALA A 299 2.36 5.97 5.79
N VAL A 300 1.78 6.49 4.72
CA VAL A 300 1.90 7.89 4.35
C VAL A 300 0.50 8.49 4.27
N ALA A 301 0.30 9.61 4.95
CA ALA A 301 -1.02 10.26 5.06
C ALA A 301 -0.84 11.76 4.97
N MET A 302 -1.89 12.47 4.57
CA MET A 302 -1.85 13.92 4.67
C MET A 302 -2.14 14.36 6.09
N ALA A 303 -1.48 15.43 6.53
CA ALA A 303 -1.94 16.13 7.71
C ALA A 303 -3.32 16.73 7.46
N HIS A 304 -4.00 17.09 8.55
CA HIS A 304 -5.26 17.80 8.48
C HIS A 304 -5.05 19.26 8.05
N SER A 305 -6.09 19.84 7.45
CA SER A 305 -6.02 21.25 7.09
C SER A 305 -5.83 22.10 8.34
N GLU A 306 -5.45 23.36 8.15
CA GLU A 306 -5.18 24.20 9.32
C GLU A 306 -6.45 24.59 10.05
N ASN A 307 -7.60 24.53 9.38
CA ASN A 307 -8.86 24.95 10.00
C ASN A 307 -9.83 23.82 10.29
N SER A 308 -9.56 22.59 9.86
CA SER A 308 -10.61 21.58 9.98
C SER A 308 -10.02 20.17 9.92
N GLU A 309 -10.57 19.30 10.77
CA GLU A 309 -10.28 17.87 10.74
C GLU A 309 -10.98 17.16 9.60
N GLU A 310 -11.86 17.84 8.88
CA GLU A 310 -12.60 17.23 7.78
C GLU A 310 -11.88 17.37 6.46
N TYR A 311 -10.74 18.05 6.47
CA TYR A 311 -10.00 18.33 5.25
C TYR A 311 -8.54 18.04 5.51
N SER A 312 -7.82 17.69 4.46
CA SER A 312 -6.37 17.53 4.53
C SER A 312 -5.70 18.87 4.23
N SER A 313 -4.48 19.02 4.74
CA SER A 313 -3.62 20.06 4.22
C SER A 313 -3.49 19.92 2.70
N PRO A 314 -3.46 21.02 1.95
CA PRO A 314 -3.15 20.91 0.52
C PRO A 314 -1.73 20.42 0.25
N TYR A 315 -0.85 20.43 1.26
CA TYR A 315 0.57 20.19 1.03
C TYR A 315 1.19 19.22 2.05
N GLN A 316 0.96 19.43 3.33
CA GLN A 316 1.73 18.76 4.37
C GLN A 316 1.35 17.28 4.50
N PHE A 317 2.33 16.39 4.44
CA PHE A 317 2.08 14.97 4.63
C PHE A 317 3.11 14.43 5.61
N PHE A 318 2.89 13.19 6.07
CA PHE A 318 3.80 12.55 7.03
C PHE A 318 3.91 11.06 6.77
N PHE A 319 5.11 10.53 7.06
CA PHE A 319 5.29 9.10 7.28
C PHE A 319 4.90 8.76 8.70
N TYR A 320 4.17 7.66 8.87
CA TYR A 320 3.71 7.24 10.19
C TYR A 320 4.56 6.06 10.66
N LEU A 321 5.29 6.27 11.75
CA LEU A 321 6.20 5.28 12.31
C LEU A 321 5.46 4.40 13.32
N TYR A 322 4.46 3.70 12.78
CA TYR A 322 3.56 2.88 13.58
C TYR A 322 4.34 1.97 14.51
N ASP A 323 3.89 1.92 15.76
CA ASP A 323 4.48 1.05 16.78
C ASP A 323 3.33 0.40 17.52
N LYS A 324 3.18 -0.92 17.37
CA LYS A 324 2.04 -1.59 17.97
C LYS A 324 2.07 -1.56 19.49
N ARG A 325 3.19 -1.14 20.09
CA ARG A 325 3.18 -0.87 21.52
C ARG A 325 2.33 0.36 21.85
N ASN A 326 2.54 1.47 21.14
CA ASN A 326 1.66 2.63 21.27
C ASN A 326 0.45 2.43 20.34
N SER A 327 -0.52 1.67 20.82
CA SER A 327 -1.74 1.51 20.07
C SER A 327 -2.86 1.12 21.03
N GLY A 328 -4.08 1.22 20.52
CA GLY A 328 -5.27 0.98 21.29
C GLY A 328 -5.84 -0.39 21.03
N LEU A 329 -7.16 -0.48 21.09
CA LEU A 329 -7.85 -1.74 20.89
C LEU A 329 -7.47 -2.34 19.53
N GLY A 330 -7.11 -3.62 19.54
CA GLY A 330 -6.78 -4.31 18.31
C GLY A 330 -5.47 -3.89 17.69
N GLY A 331 -4.58 -3.27 18.46
CA GLY A 331 -3.35 -2.73 17.91
C GLY A 331 -3.52 -1.60 16.93
N LEU A 332 -4.73 -1.08 16.76
CA LEU A 332 -4.95 0.05 15.87
C LEU A 332 -4.40 1.32 16.49
N SER A 333 -3.71 2.12 15.69
CA SER A 333 -3.31 3.45 16.10
C SER A 333 -4.51 4.20 16.67
N PHE A 334 -4.25 5.06 17.66
CA PHE A 334 -5.30 5.92 18.18
C PHE A 334 -5.79 6.90 17.13
N ASP A 335 -5.00 7.08 16.07
CA ASP A 335 -5.36 7.95 14.96
C ASP A 335 -5.95 7.18 13.77
N GLU A 336 -6.16 5.88 13.92
CA GLU A 336 -6.70 5.08 12.82
C GLU A 336 -8.03 5.64 12.34
N GLY A 337 -8.21 5.69 11.02
CA GLY A 337 -9.42 6.14 10.41
C GLY A 337 -9.62 7.64 10.42
N GLN A 338 -8.66 8.40 10.94
CA GLN A 338 -8.83 9.83 11.15
C GLN A 338 -8.10 10.69 10.12
N PHE A 339 -7.07 10.16 9.45
CA PHE A 339 -6.31 10.88 8.44
C PHE A 339 -6.47 10.20 7.08
N SER A 340 -6.26 10.97 6.02
CA SER A 340 -6.32 10.44 4.65
C SER A 340 -4.99 9.76 4.36
N VAL A 341 -4.91 8.46 4.68
CA VAL A 341 -3.79 7.63 4.22
C VAL A 341 -3.88 7.50 2.71
N PHE A 342 -2.74 7.60 2.02
CA PHE A 342 -2.76 7.47 0.57
C PHE A 342 -1.65 6.60 -0.01
N GLY A 343 -0.77 6.03 0.82
CA GLY A 343 0.24 5.13 0.27
C GLY A 343 1.04 4.51 1.39
N TYR A 344 2.04 3.71 1.00
CA TYR A 344 2.90 3.02 1.94
C TYR A 344 4.34 3.07 1.44
N THR A 345 5.27 3.28 2.37
CA THR A 345 6.68 3.22 2.05
C THR A 345 7.10 1.77 1.89
N ILE A 346 7.68 1.44 0.73
CA ILE A 346 8.01 0.05 0.46
C ILE A 346 9.53 -0.08 0.52
N ALA A 347 10.23 0.29 -0.55
CA ALA A 347 11.69 0.28 -0.49
C ALA A 347 12.20 1.41 0.38
N GLY A 348 13.20 1.12 1.21
CA GLY A 348 13.83 2.12 2.06
C GLY A 348 13.15 2.34 3.39
N LYS A 349 12.19 1.49 3.74
CA LYS A 349 11.45 1.54 5.00
C LYS A 349 12.36 1.81 6.20
N ASP A 350 13.53 1.17 6.20
CA ASP A 350 14.34 1.08 7.39
C ASP A 350 15.11 2.36 7.70
N ILE A 351 15.16 3.33 6.79
CA ILE A 351 15.81 4.58 7.13
C ILE A 351 14.83 5.64 7.62
N LEU A 352 13.52 5.37 7.60
CA LEU A 352 12.56 6.35 8.08
C LEU A 352 12.85 6.72 9.54
N GLY A 353 13.14 5.73 10.37
CA GLY A 353 13.42 6.00 11.77
C GLY A 353 14.69 6.79 12.04
N GLN A 354 15.53 7.02 11.02
CA GLN A 354 16.74 7.81 11.20
C GLN A 354 16.59 9.24 10.76
N ILE A 355 15.46 9.62 10.15
CA ILE A 355 15.26 11.00 9.74
C ILE A 355 15.16 11.88 10.98
N LYS A 356 15.77 13.07 10.90
CA LYS A 356 15.80 14.02 12.01
C LYS A 356 15.32 15.37 11.51
N THR A 357 14.82 16.18 12.45
CA THR A 357 14.38 17.53 12.13
C THR A 357 15.51 18.30 11.47
N GLY A 358 15.19 18.98 10.36
CA GLY A 358 16.17 19.70 9.59
C GLY A 358 16.65 18.97 8.35
N ASP A 359 16.55 17.65 8.32
CA ASP A 359 16.70 16.91 7.07
C ASP A 359 15.73 17.45 6.03
N ILE A 360 16.05 17.28 4.76
CA ILE A 360 15.19 17.79 3.71
C ILE A 360 14.83 16.70 2.72
N ILE A 361 13.69 16.87 2.07
CA ILE A 361 13.37 16.13 0.84
C ILE A 361 14.19 16.81 -0.26
N LYS A 362 15.28 16.16 -0.67
CA LYS A 362 16.09 16.70 -1.76
C LYS A 362 15.25 16.77 -3.04
N SER A 363 14.58 15.68 -3.38
CA SER A 363 13.76 15.62 -4.57
C SER A 363 12.67 14.59 -4.36
N ALA A 364 11.54 14.81 -5.03
CA ALA A 364 10.43 13.88 -5.05
C ALA A 364 10.02 13.72 -6.50
N LYS A 365 9.85 12.48 -6.95
CA LYS A 365 9.52 12.28 -8.34
C LYS A 365 8.58 11.10 -8.49
N LEU A 366 7.62 11.27 -9.37
CA LEU A 366 6.62 10.26 -9.69
C LEU A 366 7.22 9.42 -10.81
N ILE A 367 7.83 8.29 -10.44
CA ILE A 367 8.54 7.49 -11.42
C ILE A 367 7.65 6.44 -12.06
N GLU A 368 6.46 6.19 -11.51
CA GLU A 368 5.49 5.35 -12.18
C GLU A 368 4.09 5.90 -11.96
N GLY A 369 3.28 5.88 -13.01
CA GLY A 369 1.86 6.18 -12.89
C GLY A 369 1.44 7.53 -13.42
N GLN A 370 2.37 8.35 -13.90
CA GLN A 370 2.00 9.68 -14.37
C GLN A 370 1.03 9.64 -15.54
N ASP A 371 0.98 8.54 -16.29
CA ASP A 371 0.00 8.43 -17.36
C ASP A 371 -1.42 8.29 -16.83
N ARG A 372 -1.56 7.97 -15.54
CA ARG A 372 -2.87 7.75 -14.94
C ARG A 372 -3.26 8.86 -13.98
N LEU A 373 -2.53 9.97 -14.00
CA LEU A 373 -2.87 11.18 -13.28
C LEU A 373 -3.68 12.10 -14.18
N SER A 374 -4.89 12.46 -13.75
CA SER A 374 -5.73 13.38 -14.50
C SER A 374 -5.65 14.76 -13.89
N LEU A 375 -5.35 15.76 -14.73
CA LEU A 375 -5.36 17.17 -14.35
C LEU A 375 -6.15 17.92 -15.41
N PRO A 376 -7.21 18.66 -15.05
CA PRO A 376 -7.79 18.71 -13.70
C PRO A 376 -8.50 17.41 -13.30
#